data_3OLI
#
_entry.id   3OLI
#
_cell.length_a   52.574
_cell.length_b   74.449
_cell.length_c   134.897
_cell.angle_alpha   90.00
_cell.angle_beta   90.00
_cell.angle_gamma   90.00
#
_symmetry.space_group_name_H-M   'P 21 21 21'
#
loop_
_entity.id
_entity.type
_entity.pdbx_description
1 polymer 'Pancreatic alpha-amylase'
2 branched alpha-D-quinovopyranose-(1-4)-alpha-D-glucopyranose
3 branched alpha-D-quinovopyranose-(1-4)-alpha-D-glucopyranose-(1-4)-alpha-D-glucopyranose
4 branched alpha-D-glucopyranose-(1-4)-alpha-D-glucopyranose-(1-4)-alpha-D-glucopyranose
5 branched alpha-D-glucopyranose-(1-4)-alpha-D-glucopyranose
6 non-polymer 'CALCIUM ION'
7 non-polymer 'CHLORIDE ION'
8 non-polymer 'SULFATE ION'
9 non-polymer (1S,2S,3R,6R)-6-amino-4-(hydroxymethyl)cyclohex-4-ene-1,2,3-triol
10 non-polymer 'PYROGLUTAMIC ACID'
11 non-polymer beta-D-glucopyranose
12 non-polymer (4S)-2-METHYL-2,4-PENTANEDIOL
13 water water
#
_entity_poly.entity_id   1
_entity_poly.type   'polypeptide(L)'
_entity_poly.pdbx_seq_one_letter_code
;QYSPNTQQGRTSIVHLFEWRWVDIALECERYLAPKGFGGVQVSPPNENVAIYNPFRPWWERYQPVSYKLCTRSGNEDEFR
NMVTRCNNVGVRIYVDAVINHMCGNAVSAGTSSTCGSYFNPGSRDFPAVPYSGWDFNDGKCKTGSGDIENYNDATQVRDC
RLTGLLDLALEKDYVRSKIAEYMNHLIDIGVAGFRLDASKHMWPGDIKAILDKLHNLNSNWFPAGSKPFIYQEVIDLGGE
PIKSSDYFGNGRVTEFKYGAKLGTVIRKWNGEKMSYLKNWGEGWGFMPSDRALVFVDNHDNQRGHGAGGASILTFWDARL
YKMAVGFMLAHPYGFTRVMSSYRWPRQFQNGNDVNDWVGPPNNNGVIKEVTINPDTTCGNDWVCEHRWRQIRNMVIFRNV
VDGQPFTNWYDNGSNQVAFGRGNRGFIVFNNDDWSFSLTLQTGLPAGTYCDVISGDKINGNCTGIKIYVSDDGKAHFSIS
NSAEDPFIAIHAESKL
;
_entity_poly.pdbx_strand_id   A
#
# COMPACT_ATOMS: atom_id res chain seq x y z
N TYR A 2 1.60 3.84 -16.05
CA TYR A 2 0.52 4.31 -15.11
C TYR A 2 -0.50 3.21 -14.86
N SER A 3 -0.49 2.19 -15.73
CA SER A 3 -1.41 1.07 -15.64
C SER A 3 -0.86 0.01 -14.69
N PRO A 4 -1.69 -0.50 -13.77
CA PRO A 4 -1.22 -1.52 -12.83
C PRO A 4 -0.89 -2.88 -13.47
N ASN A 5 -1.39 -3.11 -14.68
CA ASN A 5 -1.15 -4.37 -15.38
C ASN A 5 -1.81 -5.56 -14.69
N THR A 6 -2.90 -5.30 -13.97
CA THR A 6 -3.63 -6.36 -13.29
C THR A 6 -4.56 -7.03 -14.30
N GLN A 7 -5.08 -8.20 -13.94
CA GLN A 7 -6.03 -8.89 -14.81
C GLN A 7 -7.20 -7.92 -14.94
N GLN A 8 -7.85 -7.91 -16.08
CA GLN A 8 -9.00 -7.02 -16.27
C GLN A 8 -10.05 -7.36 -15.20
N GLY A 9 -10.58 -6.34 -14.54
CA GLY A 9 -11.57 -6.59 -13.52
C GLY A 9 -11.04 -6.58 -12.10
N ARG A 10 -9.72 -6.65 -11.94
CA ARG A 10 -9.10 -6.61 -10.61
C ARG A 10 -8.59 -5.20 -10.41
N THR A 11 -9.06 -4.57 -9.34
CA THR A 11 -8.75 -3.16 -9.09
C THR A 11 -7.98 -2.73 -7.83
N SER A 12 -7.41 -3.68 -7.09
CA SER A 12 -6.66 -3.33 -5.89
C SER A 12 -5.42 -4.20 -5.70
N ILE A 13 -4.48 -3.68 -4.92
CA ILE A 13 -3.28 -4.43 -4.58
C ILE A 13 -3.25 -4.43 -3.06
N VAL A 14 -2.65 -5.46 -2.49
CA VAL A 14 -2.56 -5.57 -1.04
C VAL A 14 -1.08 -5.62 -0.66
N HIS A 15 -0.73 -4.91 0.41
CA HIS A 15 0.65 -4.91 0.89
C HIS A 15 0.78 -5.99 1.94
N LEU A 16 1.38 -7.13 1.57
CA LEU A 16 1.58 -8.23 2.51
C LEU A 16 2.93 -7.96 3.15
N PHE A 17 2.91 -6.96 4.04
CA PHE A 17 4.07 -6.46 4.76
C PHE A 17 4.85 -7.51 5.55
N GLU A 18 6.11 -7.70 5.14
CA GLU A 18 7.03 -8.64 5.78
C GLU A 18 6.68 -10.13 5.64
N TRP A 19 5.74 -10.45 4.76
CA TRP A 19 5.36 -11.85 4.54
C TRP A 19 6.47 -12.58 3.80
N ARG A 20 6.60 -13.88 4.07
CA ARG A 20 7.59 -14.73 3.41
C ARG A 20 7.07 -15.08 2.02
N TRP A 21 7.97 -15.31 1.08
CA TRP A 21 7.57 -15.63 -0.29
C TRP A 21 6.68 -16.86 -0.39
N VAL A 22 7.01 -17.91 0.36
CA VAL A 22 6.21 -19.13 0.31
C VAL A 22 4.78 -18.89 0.77
N ASP A 23 4.60 -18.01 1.76
CA ASP A 23 3.27 -17.71 2.25
C ASP A 23 2.49 -16.87 1.25
N ILE A 24 3.16 -15.96 0.56
CA ILE A 24 2.48 -15.14 -0.44
C ILE A 24 2.05 -16.04 -1.60
N ALA A 25 2.91 -16.97 -2.00
CA ALA A 25 2.60 -17.88 -3.09
C ALA A 25 1.31 -18.62 -2.78
N LEU A 26 1.23 -19.18 -1.58
CA LEU A 26 0.03 -19.90 -1.15
C LEU A 26 -1.17 -18.98 -1.09
N GLU A 27 -0.97 -17.78 -0.55
CA GLU A 27 -2.05 -16.81 -0.44
C GLU A 27 -2.64 -16.44 -1.80
N CYS A 28 -1.79 -16.33 -2.82
CA CYS A 28 -2.27 -16.02 -4.17
C CYS A 28 -3.26 -17.08 -4.65
N GLU A 29 -2.87 -18.34 -4.48
CA GLU A 29 -3.67 -19.46 -4.93
C GLU A 29 -4.94 -19.73 -4.12
N ARG A 30 -4.82 -19.69 -2.80
CA ARG A 30 -5.96 -20.00 -1.93
C ARG A 30 -6.91 -18.86 -1.58
N TYR A 31 -6.49 -17.61 -1.80
CA TYR A 31 -7.33 -16.49 -1.43
C TYR A 31 -7.39 -15.31 -2.38
N LEU A 32 -6.23 -14.75 -2.71
CA LEU A 32 -6.18 -13.57 -3.57
C LEU A 32 -6.82 -13.75 -4.94
N ALA A 33 -6.55 -14.88 -5.60
CA ALA A 33 -7.13 -15.11 -6.91
C ALA A 33 -8.65 -15.26 -6.82
N PRO A 34 -9.16 -16.19 -5.99
CA PRO A 34 -10.61 -16.34 -5.91
C PRO A 34 -11.37 -15.14 -5.34
N LYS A 35 -10.70 -14.32 -4.52
CA LYS A 35 -11.37 -13.16 -3.95
C LYS A 35 -11.20 -11.90 -4.79
N GLY A 36 -10.56 -12.04 -5.95
CA GLY A 36 -10.42 -10.91 -6.86
C GLY A 36 -9.39 -9.83 -6.62
N PHE A 37 -8.35 -10.13 -5.83
CA PHE A 37 -7.31 -9.14 -5.58
C PHE A 37 -6.44 -9.02 -6.83
N GLY A 38 -6.05 -7.80 -7.16
CA GLY A 38 -5.25 -7.58 -8.35
C GLY A 38 -3.78 -7.92 -8.21
N GLY A 39 -3.21 -7.66 -7.03
CA GLY A 39 -1.81 -7.95 -6.86
C GLY A 39 -1.32 -7.75 -5.44
N VAL A 40 -0.03 -7.98 -5.26
CA VAL A 40 0.61 -7.89 -3.95
C VAL A 40 1.85 -7.02 -3.97
N GLN A 41 1.95 -6.09 -3.02
CA GLN A 41 3.17 -5.29 -2.90
C GLN A 41 3.98 -6.10 -1.90
N VAL A 42 5.18 -6.53 -2.29
CA VAL A 42 6.02 -7.29 -1.38
C VAL A 42 7.08 -6.41 -0.75
N SER A 43 7.63 -6.85 0.38
CA SER A 43 8.69 -6.10 1.05
C SER A 43 9.93 -6.20 0.16
N PRO A 44 10.91 -5.32 0.35
CA PRO A 44 12.15 -5.35 -0.46
C PRO A 44 12.72 -6.76 -0.57
N PRO A 45 12.88 -7.27 -1.80
CA PRO A 45 13.42 -8.62 -1.99
C PRO A 45 14.94 -8.75 -2.08
N ASN A 46 15.64 -7.62 -2.00
CA ASN A 46 17.10 -7.61 -2.09
C ASN A 46 17.75 -7.71 -0.71
N GLU A 47 18.95 -8.26 -0.67
CA GLU A 47 19.71 -8.43 0.56
C GLU A 47 19.86 -7.12 1.33
N ASN A 48 19.63 -7.18 2.63
CA ASN A 48 19.71 -6.01 3.49
C ASN A 48 20.58 -6.27 4.72
N VAL A 49 20.83 -5.20 5.48
CA VAL A 49 21.63 -5.30 6.70
C VAL A 49 20.84 -6.06 7.76
N ALA A 50 21.50 -6.98 8.44
CA ALA A 50 20.87 -7.70 9.53
C ALA A 50 21.19 -6.85 10.75
N ILE A 51 20.19 -6.16 11.28
CA ILE A 51 20.32 -5.28 12.44
C ILE A 51 20.02 -6.05 13.70
N TYR A 52 20.95 -6.06 14.65
CA TYR A 52 20.71 -6.80 15.88
C TYR A 52 20.29 -5.99 17.08
N ASN A 53 20.45 -4.68 17.00
CA ASN A 53 19.99 -3.79 18.07
C ASN A 53 19.34 -2.59 17.41
N PRO A 54 18.01 -2.49 17.51
CA PRO A 54 17.18 -3.47 18.22
C PRO A 54 17.14 -4.79 17.43
N PHE A 55 16.44 -5.79 17.96
CA PHE A 55 16.38 -7.10 17.33
C PHE A 55 15.57 -7.24 16.05
N ARG A 56 16.28 -7.28 14.92
CA ARG A 56 15.67 -7.45 13.59
C ARG A 56 14.44 -6.58 13.33
N PRO A 57 14.61 -5.25 13.40
CA PRO A 57 13.49 -4.33 13.15
C PRO A 57 13.00 -4.44 11.71
N TRP A 58 11.74 -4.11 11.49
CA TRP A 58 11.20 -4.17 10.15
C TRP A 58 12.01 -3.27 9.23
N TRP A 59 12.49 -2.15 9.76
CA TRP A 59 13.22 -1.22 8.91
C TRP A 59 14.62 -1.62 8.45
N GLU A 60 15.13 -2.76 8.89
CA GLU A 60 16.44 -3.17 8.42
C GLU A 60 16.35 -3.48 6.93
N ARG A 61 15.15 -3.77 6.45
CA ARG A 61 14.96 -4.09 5.03
C ARG A 61 15.06 -2.89 4.12
N TYR A 62 15.22 -1.70 4.70
CA TYR A 62 15.38 -0.49 3.91
C TYR A 62 16.82 -0.02 3.91
N GLN A 63 17.72 -0.95 4.25
CA GLN A 63 19.16 -0.71 4.26
C GLN A 63 19.81 -1.80 3.40
N PRO A 64 19.84 -1.59 2.07
CA PRO A 64 20.43 -2.54 1.13
C PRO A 64 21.92 -2.82 1.32
N VAL A 65 22.31 -4.06 1.06
CA VAL A 65 23.71 -4.48 1.14
C VAL A 65 24.12 -4.93 -0.26
N SER A 66 23.15 -5.46 -1.01
CA SER A 66 23.39 -5.91 -2.39
C SER A 66 22.04 -6.09 -3.08
N TYR A 67 22.07 -6.54 -4.33
CA TYR A 67 20.84 -6.77 -5.06
C TYR A 67 20.52 -8.26 -5.20
N LYS A 68 21.17 -9.08 -4.39
CA LYS A 68 20.91 -10.52 -4.39
C LYS A 68 19.51 -10.66 -3.79
N LEU A 69 18.69 -11.55 -4.37
CA LEU A 69 17.32 -11.75 -3.89
C LEU A 69 17.36 -12.75 -2.75
N CYS A 70 17.89 -12.30 -1.62
CA CYS A 70 18.10 -13.16 -0.47
C CYS A 70 17.80 -12.36 0.81
N THR A 71 16.64 -12.64 1.40
CA THR A 71 16.16 -11.93 2.59
C THR A 71 15.46 -12.87 3.57
N ARG A 72 14.93 -12.31 4.65
CA ARG A 72 14.20 -13.10 5.63
C ARG A 72 12.92 -13.64 5.02
N SER A 73 12.49 -13.06 3.91
CA SER A 73 11.27 -13.53 3.24
C SER A 73 11.58 -14.78 2.40
N GLY A 74 12.85 -14.99 2.08
CA GLY A 74 13.23 -16.15 1.30
C GLY A 74 14.36 -15.86 0.31
N ASN A 75 14.81 -16.90 -0.39
CA ASN A 75 15.89 -16.76 -1.35
C ASN A 75 15.34 -16.56 -2.77
N GLU A 76 16.24 -16.51 -3.75
CA GLU A 76 15.79 -16.29 -5.13
C GLU A 76 14.84 -17.34 -5.67
N ASP A 77 15.11 -18.62 -5.40
CA ASP A 77 14.24 -19.67 -5.91
C ASP A 77 12.84 -19.53 -5.33
N GLU A 78 12.75 -19.17 -4.05
CA GLU A 78 11.45 -19.00 -3.41
C GLU A 78 10.75 -17.77 -3.98
N PHE A 79 11.53 -16.74 -4.29
CA PHE A 79 10.95 -15.54 -4.86
C PHE A 79 10.41 -15.83 -6.26
N ARG A 80 11.20 -16.52 -7.07
CA ARG A 80 10.78 -16.87 -8.43
C ARG A 80 9.55 -17.77 -8.37
N ASN A 81 9.55 -18.69 -7.41
CA ASN A 81 8.43 -19.61 -7.24
C ASN A 81 7.15 -18.83 -6.94
N MET A 82 7.25 -17.82 -6.09
CA MET A 82 6.11 -16.99 -5.72
C MET A 82 5.55 -16.20 -6.92
N VAL A 83 6.44 -15.53 -7.64
CA VAL A 83 6.01 -14.72 -8.78
C VAL A 83 5.34 -15.58 -9.85
N THR A 84 5.92 -16.74 -10.12
CA THR A 84 5.37 -17.65 -11.11
C THR A 84 3.99 -18.16 -10.71
N ARG A 85 3.86 -18.64 -9.47
CA ARG A 85 2.59 -19.15 -9.00
C ARG A 85 1.52 -18.07 -8.93
N CYS A 86 1.88 -16.87 -8.50
CA CYS A 86 0.90 -15.79 -8.44
C CYS A 86 0.46 -15.38 -9.85
N ASN A 87 1.40 -15.16 -10.75
CA ASN A 87 1.04 -14.80 -12.12
C ASN A 87 0.17 -15.87 -12.75
N ASN A 88 0.47 -17.14 -12.46
CA ASN A 88 -0.30 -18.24 -13.03
C ASN A 88 -1.76 -18.24 -12.60
N VAL A 89 -2.08 -17.56 -11.51
CA VAL A 89 -3.47 -17.48 -11.06
C VAL A 89 -4.02 -16.06 -11.23
N GLY A 90 -3.33 -15.26 -12.02
CA GLY A 90 -3.76 -13.91 -12.30
C GLY A 90 -3.58 -12.85 -11.24
N VAL A 91 -2.64 -13.07 -10.32
CA VAL A 91 -2.36 -12.11 -9.26
C VAL A 91 -0.93 -11.58 -9.45
N ARG A 92 -0.81 -10.26 -9.57
CA ARG A 92 0.49 -9.65 -9.81
C ARG A 92 1.35 -9.39 -8.58
N ILE A 93 2.65 -9.20 -8.83
CA ILE A 93 3.61 -8.92 -7.78
C ILE A 93 4.27 -7.57 -8.07
N TYR A 94 4.28 -6.70 -7.07
CA TYR A 94 4.89 -5.38 -7.20
C TYR A 94 6.00 -5.30 -6.16
N VAL A 95 7.19 -4.96 -6.61
CA VAL A 95 8.35 -4.90 -5.73
C VAL A 95 8.65 -3.54 -5.14
N ASP A 96 8.94 -3.54 -3.84
CA ASP A 96 9.31 -2.32 -3.11
C ASP A 96 10.79 -2.17 -3.46
N ALA A 97 11.09 -1.27 -4.38
CA ALA A 97 12.47 -1.04 -4.82
C ALA A 97 13.19 0.03 -4.01
N VAL A 98 14.20 -0.39 -3.25
CA VAL A 98 14.99 0.53 -2.43
C VAL A 98 16.26 0.82 -3.23
N ILE A 99 16.20 1.89 -4.02
CA ILE A 99 17.29 2.27 -4.92
C ILE A 99 17.94 3.63 -4.69
N ASN A 100 17.49 4.35 -3.67
CA ASN A 100 18.04 5.67 -3.38
C ASN A 100 19.32 5.58 -2.55
N HIS A 101 19.45 4.49 -1.79
CA HIS A 101 20.57 4.36 -0.89
C HIS A 101 20.95 2.92 -0.58
N MET A 102 22.00 2.78 0.22
CA MET A 102 22.45 1.48 0.68
C MET A 102 22.21 1.48 2.19
N CYS A 103 23.19 1.09 2.99
CA CYS A 103 22.94 1.05 4.43
C CYS A 103 23.26 2.34 5.18
N GLY A 104 22.96 2.35 6.48
CA GLY A 104 23.26 3.50 7.30
C GLY A 104 24.78 3.64 7.30
N ASN A 105 25.27 4.88 7.35
CA ASN A 105 26.72 5.09 7.31
C ASN A 105 27.45 4.70 8.58
N ALA A 106 26.71 4.50 9.68
CA ALA A 106 27.33 4.14 10.95
C ALA A 106 27.30 2.64 11.25
N VAL A 107 26.69 1.86 10.36
CA VAL A 107 26.61 0.41 10.55
C VAL A 107 28.01 -0.19 10.49
N SER A 108 28.30 -1.13 11.38
CA SER A 108 29.60 -1.78 11.43
C SER A 108 29.89 -2.62 10.19
N ALA A 109 31.12 -2.56 9.71
CA ALA A 109 31.53 -3.32 8.55
C ALA A 109 31.55 -4.80 8.94
N GLY A 110 31.29 -5.67 7.97
CA GLY A 110 31.28 -7.09 8.24
C GLY A 110 30.32 -7.85 7.35
N THR A 111 29.85 -9.00 7.83
CA THR A 111 28.92 -9.82 7.07
C THR A 111 27.55 -9.97 7.74
N SER A 112 27.15 -8.95 8.49
CA SER A 112 25.85 -8.98 9.15
C SER A 112 24.81 -8.53 8.13
N SER A 113 24.54 -9.42 7.18
CA SER A 113 23.59 -9.18 6.10
C SER A 113 22.75 -10.44 5.90
N THR A 114 21.58 -10.30 5.28
CA THR A 114 20.70 -11.44 5.09
C THR A 114 21.21 -12.56 4.19
N CYS A 115 22.30 -12.32 3.46
CA CYS A 115 22.87 -13.38 2.61
C CYS A 115 24.35 -13.56 2.91
N GLY A 116 24.81 -12.90 3.98
CA GLY A 116 26.21 -13.04 4.35
C GLY A 116 27.20 -12.25 3.52
N SER A 117 26.71 -11.40 2.62
CA SER A 117 27.61 -10.60 1.79
C SER A 117 28.37 -9.61 2.65
N TYR A 118 29.63 -9.37 2.32
CA TYR A 118 30.44 -8.43 3.07
C TYR A 118 30.16 -7.00 2.62
N PHE A 119 30.23 -6.06 3.55
CA PHE A 119 30.04 -4.65 3.23
C PHE A 119 30.73 -3.82 4.31
N ASN A 120 31.17 -2.63 3.92
CA ASN A 120 31.86 -1.73 4.83
C ASN A 120 31.33 -0.32 4.58
N PRO A 121 30.31 0.08 5.35
CA PRO A 121 29.72 1.42 5.20
C PRO A 121 30.76 2.53 5.33
N GLY A 122 31.64 2.39 6.33
CA GLY A 122 32.67 3.39 6.57
C GLY A 122 33.54 3.70 5.36
N SER A 123 33.89 2.69 4.59
CA SER A 123 34.72 2.90 3.41
C SER A 123 33.89 2.97 2.13
N ARG A 124 32.57 2.94 2.28
CA ARG A 124 31.64 3.00 1.16
C ARG A 124 31.83 1.79 0.25
N ASP A 125 32.17 0.66 0.85
CA ASP A 125 32.44 -0.56 0.11
C ASP A 125 31.34 -1.62 0.16
N PHE A 126 30.69 -1.85 -0.98
CA PHE A 126 29.63 -2.86 -1.09
C PHE A 126 30.02 -3.72 -2.30
N PRO A 127 31.03 -4.57 -2.13
CA PRO A 127 31.52 -5.44 -3.20
C PRO A 127 30.56 -6.44 -3.83
N ALA A 128 29.43 -6.72 -3.17
CA ALA A 128 28.47 -7.66 -3.73
C ALA A 128 27.68 -7.07 -4.89
N VAL A 129 27.76 -5.75 -5.08
CA VAL A 129 27.04 -5.12 -6.16
C VAL A 129 27.81 -5.13 -7.49
N PRO A 130 29.00 -4.51 -7.55
CA PRO A 130 29.74 -3.78 -6.53
C PRO A 130 29.63 -2.25 -6.60
N TYR A 131 29.71 -1.60 -5.44
CA TYR A 131 29.68 -0.15 -5.34
C TYR A 131 30.89 0.22 -4.48
N SER A 132 31.47 1.38 -4.77
CA SER A 132 32.60 1.88 -3.99
C SER A 132 32.36 3.35 -3.70
N GLY A 133 33.31 3.97 -3.02
CA GLY A 133 33.19 5.38 -2.66
C GLY A 133 32.67 6.36 -3.70
N TRP A 134 33.13 6.25 -4.94
CA TRP A 134 32.67 7.20 -5.95
C TRP A 134 31.28 6.93 -6.50
N ASP A 135 30.58 5.97 -5.90
CA ASP A 135 29.21 5.67 -6.34
C ASP A 135 28.21 6.30 -5.38
N PHE A 136 28.71 7.11 -4.45
CA PHE A 136 27.87 7.80 -3.47
C PHE A 136 27.99 9.32 -3.59
N ASN A 137 27.05 10.03 -2.96
CA ASN A 137 27.02 11.49 -3.02
C ASN A 137 27.77 12.29 -1.96
N ASP A 138 28.78 11.69 -1.35
CA ASP A 138 29.57 12.39 -0.32
C ASP A 138 30.03 13.79 -0.71
N GLY A 139 30.66 13.92 -1.87
CA GLY A 139 31.14 15.21 -2.31
C GLY A 139 30.08 16.12 -2.89
N LYS A 140 28.94 15.54 -3.26
CA LYS A 140 27.84 16.30 -3.85
C LYS A 140 27.01 17.03 -2.79
N CYS A 141 26.75 16.35 -1.67
CA CYS A 141 25.97 16.93 -0.58
C CYS A 141 26.67 18.15 0.01
N LYS A 142 25.89 19.19 0.33
CA LYS A 142 26.45 20.43 0.87
C LYS A 142 26.14 20.73 2.33
N THR A 143 25.44 19.83 3.02
CA THR A 143 25.12 20.09 4.42
C THR A 143 26.32 19.81 5.31
N GLY A 144 26.35 20.44 6.48
CA GLY A 144 27.46 20.25 7.39
C GLY A 144 27.56 18.85 7.96
N SER A 145 26.42 18.18 8.12
CA SER A 145 26.40 16.83 8.69
C SER A 145 26.50 15.74 7.63
N GLY A 146 26.17 16.07 6.39
CA GLY A 146 26.21 15.06 5.34
C GLY A 146 24.85 14.41 5.23
N ASP A 147 23.97 14.72 6.18
CA ASP A 147 22.62 14.17 6.20
C ASP A 147 21.62 15.26 5.82
N ILE A 148 20.39 14.86 5.54
CA ILE A 148 19.36 15.83 5.20
C ILE A 148 18.99 16.55 6.51
N GLU A 149 19.08 17.87 6.50
CA GLU A 149 18.78 18.66 7.70
C GLU A 149 17.60 19.60 7.50
N ASN A 150 17.31 19.94 6.25
CA ASN A 150 16.26 20.89 5.94
C ASN A 150 15.46 20.53 4.68
N TYR A 151 14.19 20.16 4.87
CA TYR A 151 13.33 19.79 3.74
C TYR A 151 12.88 20.97 2.89
N ASN A 152 13.24 22.18 3.30
CA ASN A 152 12.89 23.37 2.54
C ASN A 152 13.92 23.61 1.44
N ASP A 153 14.98 22.80 1.47
CA ASP A 153 16.04 22.88 0.47
C ASP A 153 15.97 21.62 -0.39
N ALA A 154 15.30 21.74 -1.54
CA ALA A 154 15.11 20.62 -2.46
C ALA A 154 16.41 19.92 -2.85
N THR A 155 17.49 20.67 -2.96
CA THR A 155 18.77 20.09 -3.34
C THR A 155 19.33 19.09 -2.34
N GLN A 156 19.44 19.48 -1.06
CA GLN A 156 19.98 18.56 -0.07
C GLN A 156 19.06 17.36 0.16
N VAL A 157 17.77 17.52 -0.10
CA VAL A 157 16.83 16.41 0.10
C VAL A 157 17.19 15.30 -0.88
N ARG A 158 17.72 15.67 -2.04
CA ARG A 158 18.11 14.72 -3.07
C ARG A 158 19.57 14.27 -3.03
N ASP A 159 20.47 15.17 -2.62
CA ASP A 159 21.90 14.81 -2.62
C ASP A 159 22.51 14.38 -1.29
N CYS A 160 21.78 14.55 -0.20
CA CYS A 160 22.32 14.18 1.09
C CYS A 160 21.68 12.91 1.66
N ARG A 161 22.23 12.42 2.76
CA ARG A 161 21.76 11.18 3.36
C ARG A 161 20.49 11.24 4.19
N LEU A 162 19.48 10.50 3.75
CA LEU A 162 18.21 10.40 4.46
C LEU A 162 18.53 9.65 5.75
N THR A 163 18.41 10.34 6.88
CA THR A 163 18.71 9.76 8.19
C THR A 163 19.99 8.94 8.19
N GLY A 164 21.01 9.44 7.50
CA GLY A 164 22.30 8.77 7.47
C GLY A 164 22.48 7.64 6.47
N LEU A 165 21.45 7.32 5.70
CA LEU A 165 21.56 6.25 4.72
C LEU A 165 22.47 6.69 3.57
N LEU A 166 23.51 5.90 3.31
CA LEU A 166 24.46 6.21 2.24
C LEU A 166 23.72 6.46 0.94
N ASP A 167 23.86 7.68 0.44
CA ASP A 167 23.17 8.14 -0.76
C ASP A 167 23.87 7.80 -2.08
N LEU A 168 23.22 6.98 -2.90
CA LEU A 168 23.79 6.59 -4.18
C LEU A 168 23.86 7.73 -5.18
N ALA A 169 24.92 7.78 -5.96
CA ALA A 169 25.11 8.82 -6.97
C ALA A 169 24.31 8.40 -8.20
N LEU A 170 23.01 8.67 -8.17
CA LEU A 170 22.12 8.28 -9.26
C LEU A 170 22.32 8.98 -10.60
N GLU A 171 23.24 9.95 -10.66
CA GLU A 171 23.49 10.62 -11.92
C GLU A 171 24.44 9.77 -12.76
N LYS A 172 25.23 8.92 -12.09
CA LYS A 172 26.19 8.06 -12.77
C LYS A 172 25.55 6.95 -13.59
N ASP A 173 26.00 6.77 -14.83
CA ASP A 173 25.44 5.72 -15.66
C ASP A 173 25.73 4.34 -15.05
N TYR A 174 26.88 4.20 -14.40
CA TYR A 174 27.21 2.91 -13.79
C TYR A 174 26.19 2.55 -12.73
N VAL A 175 25.90 3.50 -11.84
CA VAL A 175 24.94 3.27 -10.77
C VAL A 175 23.54 3.03 -11.34
N ARG A 176 23.14 3.86 -12.30
CA ARG A 176 21.84 3.71 -12.94
C ARG A 176 21.72 2.32 -13.56
N SER A 177 22.82 1.86 -14.15
CA SER A 177 22.85 0.55 -14.80
C SER A 177 22.77 -0.61 -13.80
N LYS A 178 23.41 -0.48 -12.65
CA LYS A 178 23.36 -1.55 -11.66
C LYS A 178 21.94 -1.67 -11.11
N ILE A 179 21.29 -0.53 -10.91
CA ILE A 179 19.92 -0.52 -10.41
C ILE A 179 18.99 -1.12 -11.47
N ALA A 180 19.20 -0.73 -12.73
CA ALA A 180 18.37 -1.25 -13.81
C ALA A 180 18.57 -2.75 -13.96
N GLU A 181 19.81 -3.20 -13.74
CA GLU A 181 20.14 -4.63 -13.83
C GLU A 181 19.30 -5.39 -12.81
N TYR A 182 19.21 -4.84 -11.60
CA TYR A 182 18.44 -5.45 -10.53
C TYR A 182 16.96 -5.46 -10.89
N MET A 183 16.43 -4.31 -11.31
CA MET A 183 15.02 -4.23 -11.66
C MET A 183 14.65 -5.09 -12.86
N ASN A 184 15.56 -5.23 -13.82
CA ASN A 184 15.28 -6.05 -14.98
C ASN A 184 15.31 -7.53 -14.63
N HIS A 185 16.10 -7.89 -13.62
CA HIS A 185 16.16 -9.26 -13.16
C HIS A 185 14.74 -9.59 -12.66
N LEU A 186 14.20 -8.66 -11.87
CA LEU A 186 12.86 -8.81 -11.31
C LEU A 186 11.77 -8.82 -12.38
N ILE A 187 11.87 -7.91 -13.35
CA ILE A 187 10.88 -7.87 -14.42
C ILE A 187 10.86 -9.19 -15.18
N ASP A 188 12.03 -9.69 -15.55
CA ASP A 188 12.07 -10.94 -16.29
C ASP A 188 11.53 -12.12 -15.49
N ILE A 189 11.70 -12.08 -14.18
CA ILE A 189 11.16 -13.16 -13.34
C ILE A 189 9.63 -13.10 -13.43
N GLY A 190 9.10 -11.90 -13.62
CA GLY A 190 7.66 -11.75 -13.77
C GLY A 190 6.95 -10.65 -12.99
N VAL A 191 7.69 -9.78 -12.30
CA VAL A 191 7.01 -8.74 -11.55
C VAL A 191 6.31 -7.75 -12.48
N ALA A 192 5.19 -7.20 -12.03
CA ALA A 192 4.38 -6.29 -12.83
C ALA A 192 4.69 -4.81 -12.64
N GLY A 193 5.42 -4.49 -11.58
CA GLY A 193 5.73 -3.09 -11.34
C GLY A 193 6.50 -2.88 -10.06
N PHE A 194 6.71 -1.62 -9.72
CA PHE A 194 7.49 -1.27 -8.55
C PHE A 194 7.00 -0.08 -7.76
N ARG A 195 7.25 -0.13 -6.45
CA ARG A 195 6.98 0.98 -5.58
C ARG A 195 8.40 1.55 -5.51
N LEU A 196 8.59 2.79 -5.91
CA LEU A 196 9.92 3.36 -5.82
C LEU A 196 10.08 4.07 -4.48
N ASP A 197 10.75 3.39 -3.56
CA ASP A 197 10.98 3.90 -2.22
C ASP A 197 11.78 5.20 -2.21
N ALA A 198 11.43 6.09 -1.29
CA ALA A 198 12.13 7.36 -1.12
C ALA A 198 12.31 8.15 -2.43
N SER A 199 11.26 8.18 -3.25
CA SER A 199 11.35 8.90 -4.51
C SER A 199 11.61 10.40 -4.35
N LYS A 200 11.11 10.98 -3.27
CA LYS A 200 11.34 12.41 -3.04
C LYS A 200 12.83 12.69 -2.94
N HIS A 201 13.59 11.67 -2.54
CA HIS A 201 15.02 11.81 -2.37
C HIS A 201 15.84 11.56 -3.62
N MET A 202 15.15 11.38 -4.75
CA MET A 202 15.84 11.16 -6.01
C MET A 202 15.35 12.21 -7.00
N TRP A 203 16.23 12.66 -7.87
CA TRP A 203 15.85 13.66 -8.87
C TRP A 203 14.95 13.00 -9.90
N PRO A 204 13.83 13.65 -10.27
CA PRO A 204 12.93 13.08 -11.27
C PRO A 204 13.69 12.64 -12.52
N GLY A 205 14.69 13.43 -12.90
CA GLY A 205 15.50 13.13 -14.07
C GLY A 205 16.35 11.88 -13.94
N ASP A 206 16.81 11.57 -12.72
CA ASP A 206 17.61 10.38 -12.51
C ASP A 206 16.69 9.16 -12.56
N ILE A 207 15.49 9.30 -12.00
CA ILE A 207 14.55 8.18 -12.03
C ILE A 207 14.22 7.88 -13.49
N LYS A 208 14.00 8.92 -14.28
CA LYS A 208 13.68 8.76 -15.70
C LYS A 208 14.77 7.98 -16.42
N ALA A 209 16.02 8.30 -16.12
CA ALA A 209 17.15 7.64 -16.76
C ALA A 209 17.19 6.15 -16.43
N ILE A 210 16.80 5.80 -15.21
CA ILE A 210 16.78 4.41 -14.77
C ILE A 210 15.62 3.66 -15.43
N LEU A 211 14.43 4.26 -15.42
CA LEU A 211 13.27 3.63 -16.02
C LEU A 211 13.45 3.42 -17.52
N ASP A 212 14.25 4.28 -18.14
CA ASP A 212 14.52 4.19 -19.57
C ASP A 212 15.27 2.91 -19.91
N LYS A 213 15.99 2.35 -18.93
CA LYS A 213 16.76 1.13 -19.13
C LYS A 213 15.97 -0.15 -18.85
N LEU A 214 14.73 -0.02 -18.42
CA LEU A 214 13.92 -1.19 -18.10
C LEU A 214 13.31 -1.95 -19.26
N HIS A 215 13.16 -3.26 -19.06
CA HIS A 215 12.57 -4.16 -20.05
C HIS A 215 11.06 -4.04 -20.04
N ASN A 216 10.43 -4.64 -21.05
CA ASN A 216 8.98 -4.68 -21.11
C ASN A 216 8.67 -5.89 -20.23
N LEU A 217 7.45 -5.99 -19.74
CA LEU A 217 7.07 -7.09 -18.86
C LEU A 217 7.18 -8.45 -19.54
N ASN A 218 7.33 -9.49 -18.73
CA ASN A 218 7.48 -10.86 -19.23
C ASN A 218 6.34 -11.23 -20.17
N SER A 219 6.70 -11.52 -21.43
CA SER A 219 5.72 -11.83 -22.45
C SER A 219 4.89 -13.11 -22.31
N ASN A 220 5.17 -13.90 -21.28
CA ASN A 220 4.39 -15.12 -21.03
C ASN A 220 3.09 -14.77 -20.34
N TRP A 221 3.12 -13.70 -19.54
CA TRP A 221 1.95 -13.28 -18.78
C TRP A 221 1.38 -11.94 -19.16
N PHE A 222 2.18 -11.10 -19.82
CA PHE A 222 1.74 -9.77 -20.19
C PHE A 222 1.78 -9.55 -21.70
N PRO A 223 0.86 -8.72 -22.21
CA PRO A 223 0.82 -8.44 -23.64
C PRO A 223 2.14 -7.81 -24.06
N ALA A 224 2.56 -8.04 -25.30
CA ALA A 224 3.81 -7.48 -25.78
C ALA A 224 3.77 -5.96 -25.65
N GLY A 225 4.88 -5.36 -25.24
CA GLY A 225 4.93 -3.93 -25.10
C GLY A 225 4.44 -3.38 -23.78
N SER A 226 4.17 -4.27 -22.82
CA SER A 226 3.70 -3.84 -21.50
C SER A 226 4.85 -3.21 -20.71
N LYS A 227 4.55 -2.12 -20.00
CA LYS A 227 5.56 -1.42 -19.20
C LYS A 227 5.28 -1.61 -17.71
N PRO A 228 6.35 -1.71 -16.90
CA PRO A 228 6.07 -1.88 -15.48
C PRO A 228 5.30 -0.71 -14.88
N PHE A 229 4.40 -1.07 -13.96
CA PHE A 229 3.62 -0.11 -13.24
C PHE A 229 4.58 0.55 -12.28
N ILE A 230 4.56 1.86 -12.23
CA ILE A 230 5.45 2.59 -11.34
C ILE A 230 4.67 3.50 -10.39
N TYR A 231 4.84 3.30 -9.09
CA TYR A 231 4.26 4.23 -8.15
C TYR A 231 5.38 4.67 -7.21
N GLN A 232 5.56 5.98 -7.20
CA GLN A 232 6.63 6.63 -6.45
C GLN A 232 6.22 7.13 -5.07
N GLU A 233 7.00 6.75 -4.06
CA GLU A 233 6.70 7.22 -2.73
C GLU A 233 7.21 8.65 -2.54
N VAL A 234 6.27 9.58 -2.54
CA VAL A 234 6.59 10.99 -2.33
C VAL A 234 5.57 11.51 -1.33
N ILE A 235 6.04 11.95 -0.17
CA ILE A 235 5.17 12.49 0.86
C ILE A 235 5.06 13.98 0.62
N ASP A 236 3.94 14.38 0.03
CA ASP A 236 3.69 15.78 -0.28
C ASP A 236 2.37 16.24 0.32
N LEU A 237 2.47 16.90 1.46
CA LEU A 237 1.30 17.39 2.16
C LEU A 237 1.16 18.90 2.05
N GLY A 238 2.04 19.48 1.24
CA GLY A 238 2.07 20.91 1.04
C GLY A 238 3.12 21.51 1.94
N GLY A 239 3.46 22.76 1.74
CA GLY A 239 4.46 23.39 2.59
C GLY A 239 5.94 23.11 2.32
N GLU A 240 6.23 22.29 1.32
CA GLU A 240 7.60 21.98 0.95
C GLU A 240 7.79 22.33 -0.51
N PRO A 241 9.04 22.57 -0.95
CA PRO A 241 9.30 22.91 -2.34
C PRO A 241 9.10 21.76 -3.33
N ILE A 242 9.33 20.53 -2.87
CA ILE A 242 9.15 19.38 -3.73
C ILE A 242 7.68 18.98 -3.80
N LYS A 243 7.18 18.84 -5.03
CA LYS A 243 5.80 18.49 -5.27
C LYS A 243 5.63 17.14 -5.96
N SER A 244 4.52 16.47 -5.65
CA SER A 244 4.23 15.18 -6.24
C SER A 244 4.19 15.28 -7.77
N SER A 245 3.69 16.40 -8.30
CA SER A 245 3.60 16.59 -9.73
C SER A 245 4.95 16.49 -10.46
N ASP A 246 6.03 16.75 -9.75
CA ASP A 246 7.35 16.68 -10.38
C ASP A 246 7.67 15.26 -10.81
N TYR A 247 6.91 14.30 -10.32
CA TYR A 247 7.17 12.90 -10.65
C TYR A 247 6.15 12.25 -11.59
N PHE A 248 5.15 13.01 -12.04
CA PHE A 248 4.12 12.45 -12.92
C PHE A 248 4.63 11.85 -14.23
N GLY A 249 5.76 12.35 -14.72
CA GLY A 249 6.30 11.82 -15.95
C GLY A 249 6.83 10.40 -15.81
N ASN A 250 7.13 9.99 -14.58
CA ASN A 250 7.67 8.65 -14.33
C ASN A 250 6.64 7.57 -14.03
N GLY A 251 5.46 7.98 -13.56
CA GLY A 251 4.43 7.03 -13.22
C GLY A 251 3.52 7.63 -12.17
N ARG A 252 2.81 6.79 -11.42
CA ARG A 252 1.93 7.30 -10.37
C ARG A 252 2.73 7.72 -9.15
N VAL A 253 2.04 8.39 -8.23
CA VAL A 253 2.65 8.86 -7.00
C VAL A 253 1.73 8.56 -5.83
N THR A 254 2.31 8.22 -4.69
CA THR A 254 1.55 7.95 -3.48
C THR A 254 0.88 9.26 -3.05
N GLU A 255 -0.43 9.24 -2.82
CA GLU A 255 -1.13 10.44 -2.38
C GLU A 255 -1.33 10.34 -0.87
N PHE A 256 -0.36 10.87 -0.11
CA PHE A 256 -0.44 10.83 1.34
C PHE A 256 -1.51 11.75 1.94
N LYS A 257 -2.00 12.69 1.16
CA LYS A 257 -3.04 13.59 1.65
C LYS A 257 -4.33 12.79 1.86
N TYR A 258 -4.48 11.73 1.07
CA TYR A 258 -5.68 10.88 1.10
C TYR A 258 -6.01 10.31 2.48
N GLY A 259 -5.10 9.51 3.02
CA GLY A 259 -5.33 8.91 4.32
C GLY A 259 -5.33 9.90 5.47
N ALA A 260 -4.53 10.95 5.35
CA ALA A 260 -4.45 11.96 6.39
C ALA A 260 -5.80 12.66 6.53
N LYS A 261 -6.39 13.05 5.41
CA LYS A 261 -7.69 13.71 5.50
C LYS A 261 -8.84 12.80 5.78
N LEU A 262 -8.84 11.63 5.17
CA LEU A 262 -9.93 10.70 5.41
C LEU A 262 -9.95 10.33 6.89
N GLY A 263 -8.77 10.18 7.48
CA GLY A 263 -8.66 9.84 8.89
C GLY A 263 -9.27 10.93 9.76
N THR A 264 -8.95 12.17 9.40
CA THR A 264 -9.47 13.32 10.13
C THR A 264 -11.00 13.39 10.02
N VAL A 265 -11.50 13.15 8.83
CA VAL A 265 -12.94 13.17 8.58
C VAL A 265 -13.66 12.09 9.37
N ILE A 266 -13.19 10.85 9.28
CA ILE A 266 -13.83 9.74 9.98
C ILE A 266 -13.76 9.86 11.49
N ARG A 267 -12.69 10.47 12.01
CA ARG A 267 -12.54 10.66 13.44
C ARG A 267 -13.36 11.88 13.88
N LYS A 268 -13.87 12.61 12.89
CA LYS A 268 -14.67 13.81 13.12
C LYS A 268 -13.88 14.86 13.88
N TRP A 269 -12.62 14.99 13.50
CA TRP A 269 -11.69 15.96 14.09
C TRP A 269 -11.63 17.22 13.23
N ASN A 270 -11.11 18.28 13.82
CA ASN A 270 -10.91 19.55 13.13
C ASN A 270 -12.14 20.08 12.40
N GLY A 271 -13.32 19.84 12.98
CA GLY A 271 -14.56 20.31 12.39
C GLY A 271 -15.00 19.58 11.13
N GLU A 272 -14.31 18.50 10.78
CA GLU A 272 -14.65 17.74 9.58
C GLU A 272 -15.79 16.75 9.76
N LYS A 273 -16.46 16.44 8.66
CA LYS A 273 -17.50 15.45 8.70
C LYS A 273 -17.70 14.84 7.34
N MET A 274 -18.31 13.67 7.36
CA MET A 274 -18.54 12.92 6.14
C MET A 274 -19.33 13.63 5.05
N SER A 275 -20.25 14.50 5.41
CA SER A 275 -21.02 15.20 4.38
C SER A 275 -20.09 16.01 3.48
N TYR A 276 -18.90 16.34 3.97
CA TYR A 276 -17.95 17.11 3.17
C TYR A 276 -17.29 16.28 2.07
N LEU A 277 -17.41 14.96 2.19
CA LEU A 277 -16.80 14.07 1.20
C LEU A 277 -17.49 14.03 -0.15
N LYS A 278 -18.53 14.84 -0.33
CA LYS A 278 -19.25 14.86 -1.60
C LYS A 278 -18.33 15.11 -2.80
N ASN A 279 -17.35 15.99 -2.63
CA ASN A 279 -16.42 16.31 -3.70
C ASN A 279 -15.03 15.70 -3.49
N TRP A 280 -15.01 14.57 -2.79
CA TRP A 280 -13.77 13.85 -2.52
C TRP A 280 -12.99 13.64 -3.81
N GLY A 281 -11.68 13.86 -3.75
CA GLY A 281 -10.85 13.70 -4.93
C GLY A 281 -10.08 14.98 -5.18
N GLU A 282 -9.93 15.38 -6.44
CA GLU A 282 -9.21 16.60 -6.73
C GLU A 282 -9.83 17.82 -6.03
N GLY A 283 -11.11 17.71 -5.70
CA GLY A 283 -11.79 18.79 -5.00
C GLY A 283 -11.18 19.08 -3.63
N TRP A 284 -10.51 18.07 -3.09
CA TRP A 284 -9.86 18.20 -1.79
C TRP A 284 -8.39 18.56 -1.90
N GLY A 285 -7.98 18.92 -3.10
CA GLY A 285 -6.61 19.30 -3.34
C GLY A 285 -5.67 18.15 -3.72
N PHE A 286 -6.26 16.99 -4.00
CA PHE A 286 -5.46 15.82 -4.36
C PHE A 286 -4.97 15.88 -5.80
N MET A 287 -3.99 15.03 -6.11
CA MET A 287 -3.43 14.96 -7.46
C MET A 287 -4.46 14.31 -8.38
N PRO A 288 -4.21 14.32 -9.69
CA PRO A 288 -5.19 13.70 -10.60
C PRO A 288 -5.40 12.22 -10.24
N SER A 289 -6.65 11.78 -10.31
CA SER A 289 -7.00 10.41 -9.99
C SER A 289 -6.12 9.35 -10.65
N ASP A 290 -5.86 9.53 -11.95
CA ASP A 290 -5.05 8.56 -12.70
C ASP A 290 -3.56 8.60 -12.41
N ARG A 291 -3.14 9.43 -11.46
CA ARG A 291 -1.74 9.48 -11.10
C ARG A 291 -1.59 9.10 -9.64
N ALA A 292 -2.71 8.84 -8.97
CA ALA A 292 -2.67 8.52 -7.56
C ALA A 292 -2.74 7.05 -7.15
N LEU A 293 -1.94 6.73 -6.15
CA LEU A 293 -1.93 5.42 -5.53
C LEU A 293 -2.45 5.83 -4.15
N VAL A 294 -3.64 5.38 -3.81
CA VAL A 294 -4.24 5.76 -2.54
C VAL A 294 -4.29 4.62 -1.52
N PHE A 295 -4.40 5.00 -0.25
CA PHE A 295 -4.42 4.05 0.85
C PHE A 295 -4.85 4.80 2.10
N VAL A 296 -5.35 4.06 3.08
CA VAL A 296 -5.76 4.67 4.34
C VAL A 296 -4.51 4.83 5.23
N ASP A 297 -3.75 3.74 5.34
CA ASP A 297 -2.51 3.75 6.11
C ASP A 297 -1.46 2.95 5.32
N ASN A 298 -0.19 3.15 5.65
CA ASN A 298 0.87 2.40 5.02
C ASN A 298 1.78 1.87 6.12
N HIS A 299 2.78 1.08 5.75
CA HIS A 299 3.64 0.47 6.74
C HIS A 299 4.39 1.48 7.64
N ASP A 300 4.63 2.69 7.15
CA ASP A 300 5.30 3.72 7.96
C ASP A 300 4.36 4.41 8.93
N ASN A 301 3.33 5.07 8.39
CA ASN A 301 2.45 5.83 9.27
C ASN A 301 1.51 5.06 10.19
N GLN A 302 1.36 3.76 9.99
CA GLN A 302 0.51 3.00 10.90
C GLN A 302 1.26 2.85 12.22
N ARG A 303 2.57 3.12 12.19
CA ARG A 303 3.41 3.04 13.39
C ARG A 303 4.15 4.35 13.68
N GLY A 304 3.58 5.45 13.21
CA GLY A 304 4.17 6.76 13.47
C GLY A 304 5.40 7.17 12.66
N HIS A 305 5.83 6.34 11.72
CA HIS A 305 6.99 6.68 10.89
C HIS A 305 6.53 7.51 9.70
N GLY A 306 7.48 8.03 8.95
CA GLY A 306 7.15 8.84 7.79
C GLY A 306 6.53 10.14 8.23
N ALA A 307 5.46 10.56 7.57
CA ALA A 307 4.78 11.80 7.93
C ALA A 307 3.97 11.55 9.19
N GLY A 308 3.76 10.27 9.50
CA GLY A 308 2.98 9.93 10.67
C GLY A 308 1.62 10.59 10.59
N GLY A 309 1.23 11.24 11.67
CA GLY A 309 -0.07 11.90 11.72
C GLY A 309 -0.96 11.19 12.71
N ALA A 310 -1.49 11.96 13.67
CA ALA A 310 -2.36 11.37 14.68
C ALA A 310 -3.70 10.94 14.11
N SER A 311 -4.06 11.46 12.94
CA SER A 311 -5.34 11.14 12.33
C SER A 311 -5.38 9.80 11.59
N ILE A 312 -4.21 9.26 11.26
CA ILE A 312 -4.15 8.00 10.53
C ILE A 312 -4.90 6.87 11.22
N LEU A 313 -5.76 6.19 10.45
CA LEU A 313 -6.53 5.07 10.95
C LEU A 313 -5.83 3.78 10.59
N THR A 314 -5.80 2.84 11.54
CA THR A 314 -5.15 1.55 11.34
C THR A 314 -6.02 0.44 11.93
N PHE A 315 -5.53 -0.80 11.85
CA PHE A 315 -6.28 -1.92 12.39
C PHE A 315 -6.50 -1.78 13.90
N TRP A 316 -5.69 -0.92 14.55
CA TRP A 316 -5.84 -0.71 15.99
C TRP A 316 -7.18 -0.04 16.29
N ASP A 317 -7.67 0.74 15.33
CA ASP A 317 -8.97 1.42 15.47
C ASP A 317 -9.89 0.78 14.43
N ALA A 318 -10.00 -0.55 14.55
CA ALA A 318 -10.78 -1.39 13.65
C ALA A 318 -12.11 -0.88 13.12
N ARG A 319 -13.00 -0.45 14.02
CA ARG A 319 -14.32 0.03 13.59
C ARG A 319 -14.24 1.18 12.59
N LEU A 320 -13.54 2.25 12.95
CA LEU A 320 -13.42 3.39 12.05
C LEU A 320 -12.58 3.05 10.83
N TYR A 321 -11.60 2.16 11.03
CA TYR A 321 -10.73 1.74 9.93
C TYR A 321 -11.50 1.07 8.82
N LYS A 322 -12.36 0.12 9.17
CA LYS A 322 -13.15 -0.59 8.17
C LYS A 322 -14.02 0.39 7.39
N MET A 323 -14.54 1.40 8.07
CA MET A 323 -15.38 2.38 7.42
C MET A 323 -14.55 3.21 6.43
N ALA A 324 -13.36 3.63 6.85
CA ALA A 324 -12.48 4.42 5.99
C ALA A 324 -12.07 3.60 4.76
N VAL A 325 -11.66 2.36 4.97
CA VAL A 325 -11.27 1.49 3.87
C VAL A 325 -12.45 1.26 2.94
N GLY A 326 -13.64 1.09 3.53
CA GLY A 326 -14.84 0.87 2.73
C GLY A 326 -15.14 2.07 1.84
N PHE A 327 -15.03 3.27 2.41
CA PHE A 327 -15.27 4.47 1.64
C PHE A 327 -14.28 4.54 0.48
N MET A 328 -13.01 4.31 0.78
CA MET A 328 -11.97 4.34 -0.23
C MET A 328 -12.24 3.36 -1.36
N LEU A 329 -12.56 2.11 -1.01
CA LEU A 329 -12.82 1.09 -2.01
C LEU A 329 -14.07 1.34 -2.85
N ALA A 330 -15.04 2.07 -2.30
CA ALA A 330 -16.26 2.36 -3.04
C ALA A 330 -16.12 3.59 -3.94
N HIS A 331 -15.25 4.53 -3.55
CA HIS A 331 -15.07 5.76 -4.32
C HIS A 331 -14.14 5.58 -5.52
N PRO A 332 -14.51 6.12 -6.68
CA PRO A 332 -13.69 6.00 -7.89
C PRO A 332 -12.29 6.63 -7.92
N TYR A 333 -11.99 7.52 -6.99
CA TYR A 333 -10.68 8.17 -6.98
C TYR A 333 -9.46 7.26 -6.75
N GLY A 334 -8.49 7.39 -7.64
CA GLY A 334 -7.23 6.66 -7.55
C GLY A 334 -7.19 5.14 -7.67
N PHE A 335 -5.99 4.58 -7.59
CA PHE A 335 -5.80 3.14 -7.62
C PHE A 335 -5.57 2.76 -6.16
N THR A 336 -6.38 1.83 -5.67
CA THR A 336 -6.33 1.44 -4.27
C THR A 336 -5.39 0.35 -3.78
N ARG A 337 -4.72 0.63 -2.65
CA ARG A 337 -3.84 -0.31 -2.00
C ARG A 337 -4.33 -0.52 -0.57
N VAL A 338 -4.54 -1.79 -0.25
CA VAL A 338 -4.99 -2.24 1.05
C VAL A 338 -3.81 -2.73 1.85
N MET A 339 -3.74 -2.30 3.10
CA MET A 339 -2.65 -2.69 4.00
C MET A 339 -2.96 -4.01 4.70
N SER A 340 -1.95 -4.85 4.86
CA SER A 340 -2.12 -6.11 5.59
C SER A 340 -0.93 -6.12 6.54
N SER A 341 -1.23 -6.07 7.82
CA SER A 341 -0.23 -5.93 8.89
C SER A 341 0.01 -7.09 9.84
N TYR A 342 0.93 -6.84 10.76
CA TYR A 342 1.19 -7.78 11.83
C TYR A 342 1.07 -6.94 13.10
N ARG A 343 0.72 -7.63 14.17
CA ARG A 343 0.56 -6.97 15.44
C ARG A 343 1.89 -6.93 16.16
N TRP A 344 2.11 -5.85 16.89
CA TRP A 344 3.34 -5.69 17.67
C TRP A 344 2.92 -5.07 18.99
N PRO A 345 3.73 -5.25 20.04
CA PRO A 345 3.42 -4.69 21.36
C PRO A 345 3.56 -3.18 21.41
N ARG A 346 2.62 -2.48 20.79
CA ARG A 346 2.62 -1.02 20.75
C ARG A 346 2.59 -0.46 22.18
N GLN A 347 3.55 0.41 22.49
CA GLN A 347 3.62 1.01 23.82
C GLN A 347 4.05 2.47 23.79
N PHE A 348 3.11 3.35 24.05
CA PHE A 348 3.38 4.79 24.03
C PHE A 348 3.97 5.33 25.33
N GLN A 349 5.05 6.07 25.16
CA GLN A 349 5.74 6.73 26.26
C GLN A 349 5.89 8.16 25.80
N ASN A 350 5.09 9.04 26.38
CA ASN A 350 5.12 10.45 26.02
C ASN A 350 4.81 10.68 24.56
N GLY A 351 3.77 10.04 24.07
CA GLY A 351 3.41 10.20 22.67
C GLY A 351 4.20 9.41 21.63
N ASN A 352 5.27 8.73 22.01
CA ASN A 352 6.02 7.92 21.04
C ASN A 352 5.91 6.46 21.37
N ASP A 353 5.70 5.67 20.34
CA ASP A 353 5.63 4.22 20.48
C ASP A 353 7.07 3.72 20.50
N VAL A 354 7.52 3.31 21.68
CA VAL A 354 8.89 2.82 21.83
C VAL A 354 9.14 1.49 21.13
N ASN A 355 8.07 0.86 20.67
CA ASN A 355 8.19 -0.41 19.96
C ASN A 355 7.83 -0.27 18.50
N ASP A 356 7.97 0.94 17.97
CA ASP A 356 7.65 1.21 16.57
C ASP A 356 8.64 0.54 15.62
N TRP A 357 9.66 -0.09 16.19
CA TRP A 357 10.71 -0.77 15.41
C TRP A 357 10.48 -2.27 15.27
N VAL A 358 9.69 -2.83 16.18
CA VAL A 358 9.45 -4.27 16.19
C VAL A 358 9.15 -4.88 14.83
N GLY A 359 9.92 -5.90 14.48
CA GLY A 359 9.76 -6.58 13.22
C GLY A 359 8.63 -7.58 13.23
N PRO A 360 8.46 -8.33 12.12
CA PRO A 360 7.39 -9.32 12.00
C PRO A 360 7.48 -10.46 13.02
N PRO A 361 6.35 -11.16 13.26
CA PRO A 361 6.32 -12.27 14.20
C PRO A 361 7.50 -13.17 13.86
N ASN A 362 8.26 -13.60 14.87
CA ASN A 362 9.42 -14.40 14.60
C ASN A 362 9.85 -15.30 15.74
N ASN A 363 10.63 -16.31 15.39
CA ASN A 363 11.18 -17.26 16.35
C ASN A 363 12.68 -17.03 16.23
N ASN A 364 13.21 -16.25 17.17
CA ASN A 364 14.63 -15.90 17.19
C ASN A 364 15.14 -15.40 15.84
N GLY A 365 14.39 -14.49 15.23
CA GLY A 365 14.80 -13.91 13.97
C GLY A 365 14.20 -14.51 12.72
N VAL A 366 13.69 -15.73 12.82
CA VAL A 366 13.09 -16.41 11.68
C VAL A 366 11.61 -16.04 11.62
N ILE A 367 11.19 -15.40 10.54
CA ILE A 367 9.81 -14.98 10.39
C ILE A 367 8.84 -16.16 10.46
N LYS A 368 7.77 -15.99 11.24
CA LYS A 368 6.75 -17.03 11.41
C LYS A 368 5.86 -17.17 10.18
N GLU A 369 5.42 -18.40 9.90
CA GLU A 369 4.53 -18.62 8.78
C GLU A 369 3.18 -18.01 9.11
N VAL A 370 2.41 -17.75 8.06
CA VAL A 370 1.09 -17.22 8.22
C VAL A 370 0.17 -18.43 8.30
N THR A 371 -0.42 -18.64 9.46
CA THR A 371 -1.34 -19.75 9.64
C THR A 371 -2.74 -19.23 9.41
N ILE A 372 -3.60 -20.06 8.83
CA ILE A 372 -4.98 -19.68 8.56
C ILE A 372 -5.90 -20.43 9.51
N ASN A 373 -6.69 -19.66 10.27
CA ASN A 373 -7.62 -20.24 11.23
C ASN A 373 -8.84 -20.77 10.49
N PRO A 374 -9.62 -21.64 11.14
CA PRO A 374 -10.83 -22.19 10.52
C PRO A 374 -11.78 -21.12 10.01
N ASP A 375 -11.86 -19.99 10.70
CA ASP A 375 -12.76 -18.92 10.28
C ASP A 375 -12.14 -18.00 9.22
N THR A 376 -11.02 -18.46 8.66
CA THR A 376 -10.27 -17.76 7.61
C THR A 376 -9.48 -16.52 8.03
N THR A 377 -9.37 -16.29 9.33
CA THR A 377 -8.57 -15.17 9.81
C THR A 377 -7.17 -15.77 9.93
N CYS A 378 -6.18 -14.97 10.33
CA CYS A 378 -4.82 -15.48 10.46
C CYS A 378 -4.35 -15.59 11.89
N GLY A 379 -3.38 -16.49 12.09
CA GLY A 379 -2.80 -16.69 13.41
C GLY A 379 -1.38 -16.15 13.43
N ASN A 380 -0.62 -16.50 14.46
CA ASN A 380 0.77 -16.07 14.60
C ASN A 380 0.95 -14.55 14.59
N ASP A 381 -0.09 -13.86 15.02
CA ASP A 381 -0.12 -12.40 15.11
C ASP A 381 -0.10 -11.61 13.80
N TRP A 382 -0.46 -12.28 12.71
CA TRP A 382 -0.57 -11.59 11.43
C TRP A 382 -2.01 -11.09 11.47
N VAL A 383 -2.21 -9.79 11.27
CA VAL A 383 -3.55 -9.21 11.33
C VAL A 383 -4.43 -9.59 10.14
N CYS A 384 -3.83 -9.66 8.96
CA CYS A 384 -4.56 -10.02 7.74
C CYS A 384 -5.84 -9.21 7.53
N GLU A 385 -5.73 -7.88 7.53
CA GLU A 385 -6.89 -7.03 7.32
C GLU A 385 -7.57 -7.36 6.00
N HIS A 386 -6.79 -7.83 5.02
CA HIS A 386 -7.35 -8.14 3.71
C HIS A 386 -8.28 -9.35 3.73
N ARG A 387 -8.29 -10.07 4.84
CA ARG A 387 -9.17 -11.22 5.02
C ARG A 387 -10.39 -10.87 5.87
N TRP A 388 -10.43 -9.67 6.41
CA TRP A 388 -11.59 -9.24 7.19
C TRP A 388 -12.72 -9.19 6.18
N ARG A 389 -13.85 -9.82 6.48
CA ARG A 389 -14.98 -9.83 5.55
C ARG A 389 -15.35 -8.45 5.02
N GLN A 390 -15.40 -7.47 5.91
CA GLN A 390 -15.78 -6.11 5.56
C GLN A 390 -14.85 -5.44 4.54
N ILE A 391 -13.60 -5.86 4.53
CA ILE A 391 -12.62 -5.29 3.61
C ILE A 391 -12.55 -6.12 2.34
N ARG A 392 -12.44 -7.43 2.50
CA ARG A 392 -12.39 -8.34 1.37
C ARG A 392 -13.62 -8.16 0.47
N ASN A 393 -14.78 -8.01 1.07
CA ASN A 393 -15.98 -7.82 0.26
C ASN A 393 -16.02 -6.46 -0.43
N MET A 394 -15.35 -5.47 0.13
CA MET A 394 -15.32 -4.17 -0.52
C MET A 394 -14.31 -4.18 -1.66
N VAL A 395 -13.36 -5.11 -1.59
CA VAL A 395 -12.38 -5.26 -2.64
C VAL A 395 -13.10 -5.75 -3.90
N ILE A 396 -14.04 -6.66 -3.70
CA ILE A 396 -14.81 -7.17 -4.81
C ILE A 396 -15.86 -6.11 -5.26
N PHE A 397 -16.35 -5.32 -4.31
CA PHE A 397 -17.32 -4.27 -4.64
C PHE A 397 -16.66 -3.36 -5.69
N ARG A 398 -15.41 -2.98 -5.42
CA ARG A 398 -14.68 -2.11 -6.35
C ARG A 398 -14.55 -2.75 -7.73
N ASN A 399 -14.33 -4.07 -7.76
CA ASN A 399 -14.23 -4.77 -9.04
C ASN A 399 -15.57 -4.73 -9.77
N VAL A 400 -16.63 -5.04 -9.05
CA VAL A 400 -17.98 -5.09 -9.61
C VAL A 400 -18.46 -3.78 -10.21
N VAL A 401 -18.12 -2.66 -9.58
CA VAL A 401 -18.55 -1.35 -10.05
C VAL A 401 -17.53 -0.61 -10.90
N ASP A 402 -16.42 -1.27 -11.21
CA ASP A 402 -15.36 -0.65 -12.00
C ASP A 402 -15.90 0.06 -13.24
N GLY A 403 -15.53 1.33 -13.39
CA GLY A 403 -15.95 2.10 -14.54
C GLY A 403 -17.24 2.87 -14.36
N GLN A 404 -18.05 2.49 -13.37
CA GLN A 404 -19.32 3.15 -13.11
C GLN A 404 -19.11 4.50 -12.45
N PRO A 405 -19.92 5.51 -12.84
CA PRO A 405 -19.81 6.86 -12.28
C PRO A 405 -20.33 7.07 -10.86
N PHE A 406 -19.66 7.97 -10.15
CA PHE A 406 -20.05 8.36 -8.81
C PHE A 406 -21.41 9.03 -9.00
N THR A 407 -22.43 8.57 -8.29
CA THR A 407 -23.77 9.12 -8.46
C THR A 407 -24.67 8.90 -7.25
N ASN A 408 -25.88 9.46 -7.31
CA ASN A 408 -26.86 9.33 -6.24
C ASN A 408 -26.34 9.63 -4.84
N TRP A 409 -25.59 10.71 -4.71
CA TRP A 409 -25.05 11.10 -3.41
C TRP A 409 -26.12 11.66 -2.49
N TYR A 410 -26.04 11.30 -1.22
CA TYR A 410 -26.95 11.78 -0.19
C TYR A 410 -26.16 12.09 1.07
N ASP A 411 -26.58 13.13 1.80
CA ASP A 411 -25.95 13.46 3.07
C ASP A 411 -26.96 14.23 3.91
N ASN A 412 -26.84 14.09 5.23
CA ASN A 412 -27.75 14.73 6.16
C ASN A 412 -27.17 16.02 6.73
N GLY A 413 -26.10 16.53 6.09
CA GLY A 413 -25.47 17.75 6.54
C GLY A 413 -24.55 17.51 7.73
N SER A 414 -24.35 16.25 8.09
CA SER A 414 -23.52 15.91 9.22
C SER A 414 -22.65 14.70 8.82
N ASN A 415 -22.96 13.53 9.38
CA ASN A 415 -22.18 12.34 9.07
C ASN A 415 -22.93 11.10 8.56
N GLN A 416 -24.08 11.30 7.97
CA GLN A 416 -24.83 10.19 7.38
C GLN A 416 -24.81 10.46 5.89
N VAL A 417 -24.10 9.62 5.16
CA VAL A 417 -23.99 9.80 3.73
C VAL A 417 -24.15 8.47 2.99
N ALA A 418 -24.38 8.57 1.68
CA ALA A 418 -24.56 7.42 0.83
C ALA A 418 -24.27 7.82 -0.60
N PHE A 419 -23.88 6.85 -1.41
CA PHE A 419 -23.65 7.11 -2.83
C PHE A 419 -23.58 5.81 -3.59
N GLY A 420 -23.80 5.89 -4.89
CA GLY A 420 -23.76 4.71 -5.71
C GLY A 420 -22.72 4.84 -6.80
N ARG A 421 -22.50 3.74 -7.49
CA ARG A 421 -21.56 3.70 -8.60
C ARG A 421 -22.40 3.20 -9.77
N GLY A 422 -22.88 4.14 -10.58
CA GLY A 422 -23.70 3.77 -11.71
C GLY A 422 -24.91 2.99 -11.22
N ASN A 423 -25.18 1.85 -11.87
CA ASN A 423 -26.29 1.00 -11.49
C ASN A 423 -25.75 -0.34 -11.02
N ARG A 424 -24.50 -0.34 -10.54
CA ARG A 424 -23.84 -1.57 -10.11
C ARG A 424 -23.61 -1.71 -8.61
N GLY A 425 -23.63 -0.61 -7.88
CA GLY A 425 -23.40 -0.69 -6.44
C GLY A 425 -23.89 0.52 -5.69
N PHE A 426 -24.10 0.35 -4.39
CA PHE A 426 -24.55 1.44 -3.54
C PHE A 426 -24.02 1.22 -2.13
N ILE A 427 -23.62 2.28 -1.45
CA ILE A 427 -23.07 2.17 -0.11
C ILE A 427 -23.63 3.28 0.80
N VAL A 428 -23.88 2.92 2.06
CA VAL A 428 -24.46 3.83 3.04
C VAL A 428 -23.65 3.86 4.34
N PHE A 429 -23.34 5.06 4.82
CA PHE A 429 -22.54 5.23 6.04
C PHE A 429 -23.25 6.03 7.13
N ASN A 430 -23.13 5.58 8.37
CA ASN A 430 -23.69 6.33 9.49
C ASN A 430 -22.60 6.57 10.52
N ASN A 431 -22.03 7.78 10.52
CA ASN A 431 -21.01 8.09 11.50
C ASN A 431 -21.47 9.20 12.44
N ASP A 432 -22.80 9.34 12.57
CA ASP A 432 -23.37 10.32 13.48
C ASP A 432 -23.77 9.58 14.76
N ASP A 433 -24.01 10.33 15.83
CA ASP A 433 -24.39 9.71 17.09
C ASP A 433 -25.88 9.43 17.27
N TRP A 434 -26.53 9.00 16.20
CA TRP A 434 -27.95 8.64 16.22
C TRP A 434 -28.22 7.74 15.02
N SER A 435 -29.36 7.05 15.03
CA SER A 435 -29.69 6.12 13.96
C SER A 435 -29.95 6.78 12.59
N PHE A 436 -29.51 6.07 11.55
CA PHE A 436 -29.69 6.46 10.15
C PHE A 436 -30.80 5.56 9.69
N SER A 437 -31.97 6.13 9.53
CA SER A 437 -33.16 5.39 9.14
C SER A 437 -33.78 6.18 8.00
N LEU A 438 -33.64 5.68 6.78
CA LEU A 438 -34.16 6.41 5.64
C LEU A 438 -34.25 5.59 4.38
N THR A 439 -35.19 5.95 3.52
CA THR A 439 -35.37 5.28 2.25
C THR A 439 -34.62 6.11 1.22
N LEU A 440 -33.64 5.50 0.56
CA LEU A 440 -32.81 6.20 -0.43
C LEU A 440 -32.84 5.64 -1.84
N GLN A 441 -32.53 6.49 -2.81
CA GLN A 441 -32.46 6.07 -4.20
C GLN A 441 -31.11 5.39 -4.34
N THR A 442 -31.12 4.10 -4.70
CA THR A 442 -29.88 3.34 -4.83
C THR A 442 -29.33 3.28 -6.25
N GLY A 443 -30.19 3.56 -7.23
CA GLY A 443 -29.77 3.51 -8.61
C GLY A 443 -29.65 2.07 -9.10
N LEU A 444 -30.05 1.12 -8.25
CA LEU A 444 -29.95 -0.29 -8.59
C LEU A 444 -31.26 -0.91 -9.07
N PRO A 445 -31.16 -2.02 -9.83
CA PRO A 445 -32.32 -2.73 -10.34
C PRO A 445 -33.09 -3.32 -9.16
N ALA A 446 -34.40 -3.44 -9.29
CA ALA A 446 -35.22 -3.99 -8.20
C ALA A 446 -34.80 -5.40 -7.82
N GLY A 447 -34.88 -5.71 -6.53
CA GLY A 447 -34.51 -7.03 -6.06
C GLY A 447 -34.05 -7.07 -4.62
N THR A 448 -33.63 -8.26 -4.19
CA THR A 448 -33.15 -8.46 -2.83
C THR A 448 -31.63 -8.55 -2.88
N TYR A 449 -30.96 -7.69 -2.13
CA TYR A 449 -29.50 -7.67 -2.11
C TYR A 449 -28.90 -8.01 -0.75
N CYS A 450 -27.83 -8.80 -0.76
CA CYS A 450 -27.15 -9.13 0.48
C CYS A 450 -26.22 -7.99 0.81
N ASP A 451 -26.23 -7.55 2.08
CA ASP A 451 -25.32 -6.51 2.50
C ASP A 451 -23.99 -7.23 2.67
N VAL A 452 -22.99 -6.85 1.88
CA VAL A 452 -21.69 -7.51 1.94
C VAL A 452 -20.79 -7.08 3.09
N ILE A 453 -21.26 -6.17 3.92
CA ILE A 453 -20.46 -5.75 5.07
C ILE A 453 -20.78 -6.67 6.24
N SER A 454 -22.07 -6.90 6.49
CA SER A 454 -22.50 -7.77 7.59
C SER A 454 -22.45 -9.25 7.27
N GLY A 455 -22.48 -9.59 5.98
CA GLY A 455 -22.46 -10.98 5.58
C GLY A 455 -22.00 -11.23 4.16
N ASP A 456 -22.40 -12.38 3.62
CA ASP A 456 -22.03 -12.79 2.27
C ASP A 456 -23.21 -13.45 1.56
N LYS A 457 -23.16 -13.47 0.23
CA LYS A 457 -24.18 -14.15 -0.55
C LYS A 457 -23.57 -15.53 -0.75
N ILE A 458 -24.26 -16.57 -0.33
CA ILE A 458 -23.77 -17.94 -0.45
C ILE A 458 -24.90 -18.80 -1.00
N ASN A 459 -24.72 -19.32 -2.21
CA ASN A 459 -25.75 -20.12 -2.87
C ASN A 459 -27.21 -19.71 -2.55
N GLY A 460 -27.71 -18.65 -3.17
CA GLY A 460 -29.09 -18.22 -2.95
C GLY A 460 -29.53 -17.54 -1.66
N ASN A 461 -28.65 -17.53 -0.68
CA ASN A 461 -28.93 -16.91 0.61
C ASN A 461 -27.97 -15.81 0.99
N CYS A 462 -28.36 -15.06 2.01
CA CYS A 462 -27.52 -14.00 2.57
C CYS A 462 -27.23 -14.44 4.00
N THR A 463 -26.00 -14.27 4.46
CA THR A 463 -25.66 -14.66 5.83
C THR A 463 -25.74 -13.47 6.77
N GLY A 464 -26.07 -12.30 6.23
CA GLY A 464 -26.19 -11.10 7.05
C GLY A 464 -27.47 -10.35 6.75
N ILE A 465 -27.37 -9.02 6.73
CA ILE A 465 -28.50 -8.15 6.45
C ILE A 465 -28.95 -8.21 4.99
N LYS A 466 -30.24 -8.07 4.76
CA LYS A 466 -30.81 -8.06 3.42
C LYS A 466 -31.45 -6.71 3.13
N ILE A 467 -31.20 -6.19 1.93
CA ILE A 467 -31.76 -4.91 1.51
C ILE A 467 -32.71 -5.15 0.35
N TYR A 468 -33.87 -4.52 0.40
CA TYR A 468 -34.89 -4.68 -0.63
C TYR A 468 -35.07 -3.43 -1.48
N VAL A 469 -34.64 -3.53 -2.74
CA VAL A 469 -34.75 -2.42 -3.68
C VAL A 469 -36.03 -2.57 -4.47
N SER A 470 -36.89 -1.55 -4.44
CA SER A 470 -38.16 -1.59 -5.16
C SER A 470 -38.01 -1.16 -6.62
N ASP A 471 -39.11 -1.20 -7.35
CA ASP A 471 -39.10 -0.84 -8.77
C ASP A 471 -38.54 0.55 -9.09
N ASP A 472 -38.67 1.48 -8.16
CA ASP A 472 -38.17 2.84 -8.40
C ASP A 472 -36.72 3.00 -7.97
N GLY A 473 -36.08 1.90 -7.61
CA GLY A 473 -34.68 1.93 -7.19
C GLY A 473 -34.44 2.35 -5.75
N LYS A 474 -35.51 2.58 -5.00
CA LYS A 474 -35.36 2.99 -3.62
C LYS A 474 -35.36 1.82 -2.64
N ALA A 475 -34.63 1.99 -1.54
CA ALA A 475 -34.54 0.96 -0.52
C ALA A 475 -34.40 1.62 0.83
N HIS A 476 -34.91 0.96 1.87
CA HIS A 476 -34.82 1.51 3.20
C HIS A 476 -33.57 0.98 3.89
N PHE A 477 -32.88 1.87 4.60
CA PHE A 477 -31.69 1.48 5.34
C PHE A 477 -31.85 1.94 6.77
N SER A 478 -31.47 1.08 7.71
CA SER A 478 -31.56 1.42 9.11
C SER A 478 -30.27 0.99 9.78
N ILE A 479 -29.43 1.96 10.10
CA ILE A 479 -28.14 1.68 10.73
C ILE A 479 -28.03 2.41 12.06
N SER A 480 -27.95 1.66 13.13
CA SER A 480 -27.82 2.24 14.46
C SER A 480 -26.41 2.77 14.65
N ASN A 481 -26.27 3.85 15.41
CA ASN A 481 -24.94 4.40 15.66
C ASN A 481 -24.16 3.46 16.58
N SER A 482 -24.83 2.46 17.13
CA SER A 482 -24.19 1.48 18.01
C SER A 482 -23.75 0.25 17.23
N ALA A 483 -24.06 0.19 15.94
CA ALA A 483 -23.68 -0.95 15.10
C ALA A 483 -22.18 -1.10 15.12
N GLU A 484 -21.67 -2.34 15.20
CA GLU A 484 -20.23 -2.50 15.23
C GLU A 484 -19.62 -2.14 13.87
N ASP A 485 -20.43 -2.23 12.81
CA ASP A 485 -20.01 -1.84 11.46
C ASP A 485 -21.15 -0.96 10.97
N PRO A 486 -21.05 0.36 11.22
CA PRO A 486 -22.08 1.33 10.82
C PRO A 486 -22.18 1.70 9.35
N PHE A 487 -22.04 0.72 8.47
CA PHE A 487 -22.18 0.96 7.04
C PHE A 487 -22.66 -0.29 6.33
N ILE A 488 -23.38 -0.08 5.23
CA ILE A 488 -23.95 -1.16 4.43
C ILE A 488 -23.58 -0.98 2.97
N ALA A 489 -23.29 -2.08 2.29
CA ALA A 489 -22.93 -2.02 0.88
C ALA A 489 -23.56 -3.17 0.10
N ILE A 490 -24.13 -2.84 -1.06
CA ILE A 490 -24.75 -3.85 -1.91
C ILE A 490 -24.32 -3.61 -3.35
N HIS A 491 -24.27 -4.67 -4.15
CA HIS A 491 -23.87 -4.51 -5.54
C HIS A 491 -24.48 -5.58 -6.44
N ALA A 492 -24.30 -5.41 -7.74
CA ALA A 492 -24.86 -6.31 -8.73
C ALA A 492 -24.64 -7.80 -8.45
N GLU A 493 -23.49 -8.14 -7.88
CA GLU A 493 -23.22 -9.54 -7.61
C GLU A 493 -23.61 -10.04 -6.22
N SER A 494 -24.26 -9.20 -5.44
CA SER A 494 -24.72 -9.62 -4.13
C SER A 494 -26.25 -9.73 -4.19
N LYS A 495 -26.79 -9.53 -5.39
CA LYS A 495 -28.24 -9.62 -5.62
C LYS A 495 -28.65 -11.09 -5.69
N LEU A 496 -29.75 -11.42 -5.03
CA LEU A 496 -30.25 -12.79 -5.03
C LEU A 496 -31.03 -13.07 -6.31
#